data_5E27
#
_entry.id   5E27
#
_cell.length_a   102.376
_cell.length_b   126.990
_cell.length_c   86.286
_cell.angle_alpha   90.00
_cell.angle_beta   90.00
_cell.angle_gamma   90.00
#
_symmetry.space_group_name_H-M   'C 2 2 21'
#
loop_
_entity.id
_entity.type
_entity.pdbx_description
1 polymer 'Resuscitation-promoting factor RpfB'
2 water water
#
_entity_poly.entity_id   1
_entity_poly.type   'polypeptide(L)'
_entity_poly.pdbx_seq_one_letter_code
;TAPAAASRASRVPLSGMALPVVSAKTVQLNDGGLVRTVHLPAPNVAGLLSAAGVPLLQSDHVVPAATAPIVEGMQIQVTR
NRIKKVTERLPLPPNARRVEDPEMNMSREVVEDPGVPGTQDVTFAVAEVNGVETGRLPVANVVVTPAHEAVVRVGTKPGT
EVPPVIDGSIWDAIAGCEAGGNWAINTGNGYYGGVQFDQGTWEANGGLRYAPRADLATREEQIAVAEVTRLRQGWGAWPV
CAARAGAR
;
_entity_poly.pdbx_strand_id   A,B
#
# COMPACT_ATOMS: atom_id res chain seq x y z
N SER A 23 -23.15 -7.31 25.38
CA SER A 23 -23.21 -6.07 26.20
C SER A 23 -21.84 -5.67 26.82
N ALA A 24 -20.76 -5.76 26.04
CA ALA A 24 -19.37 -5.66 26.57
C ALA A 24 -18.82 -4.24 26.66
N LYS A 25 -19.08 -3.61 27.79
CA LYS A 25 -18.84 -2.16 27.99
C LYS A 25 -17.38 -1.79 28.27
N THR A 26 -16.55 -2.79 28.55
CA THR A 26 -15.11 -2.56 28.53
C THR A 26 -14.66 -2.99 27.14
N VAL A 27 -14.59 -1.99 26.27
CA VAL A 27 -13.90 -2.08 25.00
C VAL A 27 -13.15 -0.76 24.75
N GLN A 28 -11.85 -0.92 24.49
CA GLN A 28 -10.96 0.21 24.18
C GLN A 28 -10.59 0.11 22.73
N LEU A 29 -10.80 1.22 22.05
CA LEU A 29 -10.77 1.29 20.62
C LEU A 29 -9.71 2.31 20.23
N ASN A 30 -8.56 1.84 19.75
CA ASN A 30 -7.55 2.73 19.19
C ASN A 30 -7.91 3.00 17.76
N ASP A 31 -8.53 4.14 17.51
CA ASP A 31 -8.99 4.46 16.19
C ASP A 31 -8.01 5.45 15.63
N GLY A 32 -7.26 5.00 14.60
CA GLY A 32 -6.29 5.82 13.90
C GLY A 32 -5.47 6.65 14.86
N GLY A 33 -5.18 6.10 16.04
CA GLY A 33 -4.42 6.83 17.04
C GLY A 33 -5.21 7.29 18.27
N LEU A 34 -6.48 7.58 18.10
CA LEU A 34 -7.25 8.21 19.15
C LEU A 34 -7.97 7.23 20.03
N VAL A 35 -7.45 7.08 21.23
CA VAL A 35 -8.05 6.15 22.16
C VAL A 35 -9.29 6.70 22.77
N ARG A 36 -10.15 5.79 23.15
CA ARG A 36 -11.52 6.12 23.37
C ARG A 36 -12.07 4.91 24.00
N THR A 37 -12.98 5.11 24.91
CA THR A 37 -13.59 3.96 25.59
C THR A 37 -15.03 3.78 25.09
N VAL A 38 -15.51 2.53 25.07
CA VAL A 38 -16.81 2.26 24.43
C VAL A 38 -17.74 1.26 25.14
N HIS A 39 -18.99 1.68 25.32
CA HIS A 39 -20.00 0.93 26.06
C HIS A 39 -21.09 0.23 25.23
N LEU A 40 -20.96 0.22 23.91
CA LEU A 40 -22.02 -0.32 23.08
C LEU A 40 -22.03 -1.86 23.02
N PRO A 41 -23.23 -2.47 22.74
CA PRO A 41 -23.38 -3.91 22.43
C PRO A 41 -23.51 -4.20 20.92
N ALA A 42 -23.00 -5.35 20.46
CA ALA A 42 -22.99 -5.74 19.02
C ALA A 42 -22.40 -7.16 18.82
N PRO A 43 -22.70 -7.83 17.69
CA PRO A 43 -22.25 -9.24 17.58
C PRO A 43 -20.76 -9.44 17.21
N ASN A 44 -20.13 -8.44 16.61
CA ASN A 44 -18.73 -8.54 16.25
C ASN A 44 -18.13 -7.18 16.12
N VAL A 45 -16.82 -7.09 15.91
CA VAL A 45 -16.12 -5.82 15.97
C VAL A 45 -16.55 -4.80 14.93
N ALA A 46 -16.84 -5.25 13.73
CA ALA A 46 -17.33 -4.35 12.71
C ALA A 46 -18.60 -3.79 13.23
N GLY A 47 -19.48 -4.66 13.68
CA GLY A 47 -20.75 -4.25 14.29
C GLY A 47 -20.52 -3.20 15.37
N LEU A 48 -19.44 -3.41 16.13
CA LEU A 48 -19.14 -2.50 17.23
C LEU A 48 -18.76 -1.13 16.68
N LEU A 49 -17.91 -1.11 15.67
CA LEU A 49 -17.58 0.15 15.03
C LEU A 49 -18.80 0.83 14.34
N SER A 50 -19.73 0.04 13.80
CA SER A 50 -20.95 0.62 13.21
C SER A 50 -21.74 1.36 14.27
N ALA A 51 -21.92 0.70 15.40
CA ALA A 51 -22.72 1.24 16.52
C ALA A 51 -22.10 2.51 17.13
N ALA A 52 -20.77 2.64 17.02
CA ALA A 52 -20.11 3.87 17.47
C ALA A 52 -20.08 4.83 16.29
N GLY A 53 -20.89 4.50 15.28
CA GLY A 53 -20.97 5.29 14.06
C GLY A 53 -19.63 5.66 13.45
N VAL A 54 -18.68 4.71 13.48
CA VAL A 54 -17.38 4.82 12.79
C VAL A 54 -17.11 3.51 12.02
N PRO A 55 -18.09 3.07 11.21
CA PRO A 55 -18.04 1.75 10.61
C PRO A 55 -16.82 1.64 9.72
N LEU A 56 -16.39 0.41 9.49
CA LEU A 56 -15.28 0.13 8.61
C LEU A 56 -15.65 0.51 7.19
N LEU A 57 -14.89 1.38 6.57
CA LEU A 57 -15.14 1.75 5.20
C LEU A 57 -13.91 1.63 4.34
N GLN A 58 -14.10 1.70 3.04
CA GLN A 58 -13.03 1.58 2.07
C GLN A 58 -11.91 0.61 2.44
N SER A 59 -10.71 1.11 2.65
CA SER A 59 -9.57 0.27 2.93
C SER A 59 -9.24 0.16 4.38
N ASP A 60 -10.15 0.57 5.23
CA ASP A 60 -9.97 0.47 6.65
C ASP A 60 -9.71 -0.94 7.04
N HIS A 61 -8.79 -1.15 7.96
CA HIS A 61 -8.67 -2.49 8.55
C HIS A 61 -8.62 -2.41 10.05
N VAL A 62 -8.63 -3.57 10.70
CA VAL A 62 -8.71 -3.60 12.16
C VAL A 62 -8.11 -4.88 12.75
N VAL A 63 -7.57 -4.78 13.97
CA VAL A 63 -7.26 -5.98 14.74
C VAL A 63 -7.94 -5.91 16.12
N PRO A 64 -8.51 -7.03 16.59
CA PRO A 64 -8.69 -8.35 15.91
C PRO A 64 -9.60 -8.28 14.65
N ALA A 65 -9.93 -9.40 14.05
CA ALA A 65 -10.67 -9.41 12.78
C ALA A 65 -12.06 -8.77 12.91
N ALA A 66 -12.64 -8.37 11.78
CA ALA A 66 -13.88 -7.63 11.77
C ALA A 66 -15.06 -8.46 12.27
N THR A 67 -15.00 -9.78 12.04
CA THR A 67 -16.05 -10.71 12.46
C THR A 67 -15.81 -11.36 13.85
N ALA A 68 -14.69 -10.97 14.47
CA ALA A 68 -14.28 -11.46 15.79
C ALA A 68 -15.29 -11.10 16.91
N PRO A 69 -15.54 -12.04 17.83
CA PRO A 69 -16.48 -11.73 18.93
C PRO A 69 -15.93 -10.61 19.80
N ILE A 70 -16.84 -9.89 20.44
CA ILE A 70 -16.46 -8.92 21.46
C ILE A 70 -16.31 -9.62 22.78
N VAL A 71 -15.11 -9.52 23.37
CA VAL A 71 -14.89 -9.95 24.76
C VAL A 71 -14.45 -8.75 25.62
N GLU A 72 -14.57 -8.91 26.94
CA GLU A 72 -14.37 -7.82 27.92
C GLU A 72 -12.92 -7.31 28.04
N GLY A 73 -12.79 -5.98 28.20
CA GLY A 73 -11.49 -5.30 28.32
C GLY A 73 -10.63 -5.30 27.05
N MET A 74 -11.27 -5.62 25.93
CA MET A 74 -10.64 -5.93 24.66
C MET A 74 -10.08 -4.71 23.97
N GLN A 75 -8.84 -4.81 23.47
CA GLN A 75 -8.23 -3.78 22.60
C GLN A 75 -8.68 -4.00 21.15
N ILE A 76 -8.98 -2.90 20.44
CA ILE A 76 -9.42 -2.91 19.04
C ILE A 76 -8.66 -1.82 18.33
N GLN A 77 -7.85 -2.21 17.36
CA GLN A 77 -6.98 -1.26 16.69
C GLN A 77 -7.41 -1.14 15.22
N VAL A 78 -7.81 0.06 14.81
CA VAL A 78 -8.32 0.27 13.47
C VAL A 78 -7.42 1.27 12.82
N THR A 79 -7.16 0.99 11.54
CA THR A 79 -6.46 1.90 10.68
C THR A 79 -7.45 2.46 9.67
N ARG A 80 -7.43 3.77 9.48
CA ARG A 80 -8.30 4.38 8.48
C ARG A 80 -7.50 4.69 7.23
N ASN A 81 -7.87 4.05 6.15
CA ASN A 81 -7.26 4.25 4.87
C ASN A 81 -8.41 4.59 3.87
N ARG A 82 -8.51 5.85 3.44
CA ARG A 82 -9.63 6.36 2.64
C ARG A 82 -9.21 7.20 1.45
N ILE A 83 -10.13 7.42 0.52
CA ILE A 83 -9.99 8.43 -0.53
C ILE A 83 -11.16 9.37 -0.35
N LYS A 84 -10.91 10.67 -0.57
CA LYS A 84 -11.80 11.77 -0.23
C LYS A 84 -11.76 12.79 -1.34
N LYS A 85 -12.96 13.31 -1.67
CA LYS A 85 -13.14 14.42 -2.59
C LYS A 85 -12.87 15.68 -1.83
N VAL A 86 -11.98 16.50 -2.39
CA VAL A 86 -11.71 17.86 -1.90
C VAL A 86 -11.84 18.82 -3.08
N THR A 87 -12.36 20.02 -2.85
CA THR A 87 -12.52 21.00 -3.92
C THR A 87 -11.70 22.25 -3.61
N GLU A 88 -10.97 22.77 -4.59
CA GLU A 88 -10.22 23.99 -4.30
C GLU A 88 -10.43 24.99 -5.36
N ARG A 89 -10.42 26.24 -4.94
CA ARG A 89 -10.60 27.36 -5.85
C ARG A 89 -9.25 27.76 -6.37
N LEU A 90 -8.96 27.42 -7.62
CA LEU A 90 -7.67 27.77 -8.18
C LEU A 90 -7.80 28.69 -9.37
N PRO A 91 -6.67 29.31 -9.77
CA PRO A 91 -6.54 30.01 -11.04
C PRO A 91 -6.94 29.16 -12.25
N LEU A 92 -7.63 29.81 -13.20
CA LEU A 92 -7.89 29.21 -14.49
C LEU A 92 -7.08 29.92 -15.60
N PRO A 93 -6.05 29.25 -16.16
CA PRO A 93 -5.20 29.92 -17.17
C PRO A 93 -5.95 30.26 -18.45
N PRO A 94 -5.63 31.39 -19.10
CA PRO A 94 -6.39 31.75 -20.28
C PRO A 94 -6.10 30.83 -21.44
N ASN A 95 -7.06 30.70 -22.36
CA ASN A 95 -6.84 29.96 -23.58
C ASN A 95 -6.02 30.85 -24.48
N ALA A 96 -5.01 30.25 -25.14
CA ALA A 96 -4.14 30.92 -26.10
C ALA A 96 -4.83 31.04 -27.45
N ARG A 97 -5.10 32.23 -27.93
CA ARG A 97 -5.51 32.39 -29.29
C ARG A 97 -4.23 32.68 -30.08
N ARG A 98 -4.02 31.93 -31.16
CA ARG A 98 -2.87 32.15 -32.04
C ARG A 98 -3.12 33.17 -33.15
N VAL A 99 -2.12 33.99 -33.44
CA VAL A 99 -2.18 34.94 -34.56
C VAL A 99 -0.87 34.97 -35.33
N GLU A 100 -0.96 35.05 -36.64
CA GLU A 100 0.24 34.80 -37.43
C GLU A 100 1.06 36.05 -37.69
N ASP A 101 2.37 35.90 -37.65
CA ASP A 101 3.25 37.02 -37.94
C ASP A 101 4.33 36.64 -38.95
N PRO A 102 4.06 36.89 -40.23
CA PRO A 102 4.91 36.42 -41.30
C PRO A 102 6.17 37.29 -41.39
N GLU A 103 6.39 38.07 -40.36
CA GLU A 103 7.53 38.95 -40.27
C GLU A 103 8.53 38.36 -39.29
N MET A 104 8.22 37.18 -38.75
CA MET A 104 9.02 36.57 -37.68
C MET A 104 9.15 35.07 -37.99
N ASN A 105 10.26 34.47 -37.58
CA ASN A 105 10.54 33.09 -37.93
C ASN A 105 9.57 32.13 -37.25
N MET A 106 9.29 31.00 -37.87
CA MET A 106 8.41 30.01 -37.25
C MET A 106 9.00 29.40 -35.98
N SER A 107 10.33 29.48 -35.80
CA SER A 107 10.96 29.08 -34.55
C SER A 107 10.63 30.00 -33.35
N ARG A 108 10.01 31.15 -33.59
CA ARG A 108 9.77 32.08 -32.51
C ARG A 108 8.27 32.16 -32.22
N GLU A 109 7.90 32.14 -30.94
CA GLU A 109 6.50 32.35 -30.56
C GLU A 109 6.51 33.31 -29.43
N VAL A 110 5.59 34.26 -29.44
CA VAL A 110 5.60 35.36 -28.49
C VAL A 110 4.26 35.58 -27.77
N VAL A 111 4.30 35.93 -26.49
CA VAL A 111 3.07 36.16 -25.76
C VAL A 111 2.73 37.61 -25.78
N GLU A 112 1.85 37.98 -26.68
CA GLU A 112 1.58 39.36 -26.96
C GLU A 112 0.58 39.95 -26.00
N ASP A 113 -0.48 39.21 -25.71
CA ASP A 113 -1.37 39.62 -24.66
C ASP A 113 -1.61 38.43 -23.78
N PRO A 114 -1.25 38.61 -22.44
CA PRO A 114 -1.24 37.37 -21.66
C PRO A 114 -2.58 36.94 -21.16
N GLY A 115 -3.58 37.72 -21.44
CA GLY A 115 -4.94 37.39 -20.97
C GLY A 115 -5.19 37.78 -19.52
N VAL A 116 -6.34 37.33 -19.01
CA VAL A 116 -6.70 37.50 -17.61
C VAL A 116 -7.09 36.13 -17.05
N PRO A 117 -6.30 35.63 -16.08
CA PRO A 117 -6.66 34.37 -15.46
C PRO A 117 -8.06 34.44 -14.84
N GLY A 118 -8.81 33.34 -14.95
CA GLY A 118 -10.12 33.26 -14.30
C GLY A 118 -9.94 32.40 -13.07
N THR A 119 -10.96 31.64 -12.74
CA THR A 119 -10.96 30.94 -11.49
C THR A 119 -11.77 29.68 -11.65
N GLN A 120 -11.24 28.57 -11.18
CA GLN A 120 -11.98 27.31 -11.32
C GLN A 120 -12.16 26.53 -10.01
N ASP A 121 -13.16 25.68 -9.99
CA ASP A 121 -13.26 24.70 -8.90
C ASP A 121 -12.67 23.38 -9.39
N VAL A 122 -11.47 23.09 -8.86
CA VAL A 122 -10.76 21.83 -9.08
C VAL A 122 -11.07 20.84 -7.96
N THR A 123 -11.63 19.69 -8.35
CA THR A 123 -11.81 18.56 -7.45
C THR A 123 -10.59 17.64 -7.53
N PHE A 124 -10.05 17.35 -6.35
CA PHE A 124 -8.96 16.42 -6.22
C PHE A 124 -9.49 15.16 -5.56
N ALA A 125 -8.96 14.01 -5.97
CA ALA A 125 -9.11 12.80 -5.17
C ALA A 125 -7.93 12.83 -4.24
N VAL A 126 -8.23 12.82 -2.93
CA VAL A 126 -7.20 12.84 -1.88
C VAL A 126 -7.13 11.51 -1.11
N ALA A 127 -5.94 10.94 -1.04
CA ALA A 127 -5.69 9.69 -0.28
C ALA A 127 -5.29 10.00 1.15
N GLU A 128 -5.95 9.41 2.12
CA GLU A 128 -5.73 9.74 3.51
C GLU A 128 -5.58 8.50 4.33
N VAL A 129 -4.57 8.44 5.16
CA VAL A 129 -4.51 7.42 6.19
C VAL A 129 -4.55 8.03 7.57
N ASN A 130 -5.50 7.56 8.36
CA ASN A 130 -5.71 7.99 9.71
C ASN A 130 -5.88 9.48 9.76
N GLY A 131 -6.47 10.02 8.71
CA GLY A 131 -6.88 11.43 8.60
C GLY A 131 -5.80 12.41 8.17
N VAL A 132 -4.72 11.91 7.60
CA VAL A 132 -3.61 12.71 7.20
C VAL A 132 -3.42 12.37 5.73
N GLU A 133 -3.34 13.42 4.91
CA GLU A 133 -3.25 13.23 3.47
C GLU A 133 -1.91 12.62 3.09
N THR A 134 -1.93 11.71 2.11
CA THR A 134 -0.71 11.02 1.68
C THR A 134 -0.44 11.12 0.18
N GLY A 135 -1.47 11.51 -0.56
CA GLY A 135 -1.36 11.70 -1.99
C GLY A 135 -2.65 12.31 -2.48
N ARG A 136 -2.60 13.04 -3.60
CA ARG A 136 -3.78 13.58 -4.27
C ARG A 136 -3.62 13.57 -5.79
N LEU A 137 -4.75 13.64 -6.48
CA LEU A 137 -4.74 13.83 -7.91
C LEU A 137 -5.95 14.69 -8.22
N PRO A 138 -5.76 15.70 -9.09
CA PRO A 138 -6.88 16.47 -9.68
C PRO A 138 -7.72 15.55 -10.53
N VAL A 139 -9.03 15.63 -10.43
CA VAL A 139 -9.84 14.69 -11.17
C VAL A 139 -10.97 15.31 -11.98
N ALA A 140 -11.28 16.58 -11.69
CA ALA A 140 -12.32 17.28 -12.46
C ALA A 140 -12.20 18.77 -12.23
N ASN A 141 -12.79 19.58 -13.10
CA ASN A 141 -12.87 20.99 -12.86
C ASN A 141 -14.10 21.61 -13.47
N VAL A 142 -14.84 22.37 -12.67
CA VAL A 142 -15.83 23.29 -13.21
C VAL A 142 -15.25 24.73 -13.17
N VAL A 143 -15.28 25.42 -14.32
CA VAL A 143 -14.94 26.86 -14.36
C VAL A 143 -16.01 27.68 -13.62
N VAL A 144 -15.57 28.56 -12.73
CA VAL A 144 -16.51 29.46 -12.12
C VAL A 144 -16.51 30.82 -12.85
N THR A 145 -15.37 31.53 -12.78
CA THR A 145 -15.19 32.80 -13.53
C THR A 145 -14.30 32.50 -14.69
N PRO A 146 -14.78 32.73 -15.91
CA PRO A 146 -14.05 32.42 -17.13
C PRO A 146 -12.82 33.30 -17.30
N ALA A 147 -11.75 32.74 -17.86
CA ALA A 147 -10.57 33.55 -18.20
C ALA A 147 -10.85 34.38 -19.45
N HIS A 148 -10.18 35.51 -19.60
CA HIS A 148 -10.21 36.16 -20.90
CA HIS A 148 -10.16 36.22 -20.90
C HIS A 148 -8.98 35.70 -21.70
N GLU A 149 -9.23 35.23 -22.93
CA GLU A 149 -8.17 34.80 -23.89
C GLU A 149 -6.81 35.50 -23.76
N ALA A 150 -5.76 34.81 -24.17
CA ALA A 150 -4.46 35.43 -24.32
C ALA A 150 -4.16 35.39 -25.79
N VAL A 151 -3.29 36.28 -26.22
CA VAL A 151 -2.93 36.32 -27.62
C VAL A 151 -1.49 35.87 -27.77
N VAL A 152 -1.27 34.82 -28.53
CA VAL A 152 0.05 34.34 -28.70
C VAL A 152 0.37 34.54 -30.15
N ARG A 153 1.39 35.35 -30.42
N ARG A 153 1.42 35.31 -30.40
CA ARG A 153 1.73 35.67 -31.81
CA ARG A 153 1.82 35.68 -31.75
C ARG A 153 2.84 34.76 -32.30
C ARG A 153 2.86 34.72 -32.27
N VAL A 154 2.52 33.96 -33.31
CA VAL A 154 3.42 32.97 -33.87
C VAL A 154 4.06 33.38 -35.21
N GLY A 155 5.34 33.04 -35.38
CA GLY A 155 6.09 33.31 -36.63
C GLY A 155 5.65 32.51 -37.84
N THR A 156 5.48 33.18 -38.97
CA THR A 156 5.11 32.43 -40.16
C THR A 156 5.87 32.77 -41.42
N LYS A 157 6.97 33.53 -41.27
CA LYS A 157 7.88 33.89 -42.38
C LYS A 157 8.13 32.70 -43.28
N PRO A 158 7.77 32.84 -44.55
CA PRO A 158 8.01 31.78 -45.51
C PRO A 158 9.48 31.41 -45.51
N GLY A 159 9.73 30.12 -45.72
CA GLY A 159 11.08 29.59 -45.78
C GLY A 159 11.74 29.36 -44.45
N THR A 160 11.11 29.77 -43.36
CA THR A 160 11.68 29.53 -42.03
C THR A 160 11.23 28.24 -41.31
N GLU A 161 10.65 27.28 -42.05
CA GLU A 161 10.39 25.96 -41.47
C GLU A 161 11.68 25.38 -40.95
N VAL A 162 11.57 24.66 -39.85
CA VAL A 162 12.69 24.04 -39.22
C VAL A 162 12.33 22.57 -39.09
N PRO A 163 13.12 21.70 -39.73
CA PRO A 163 12.95 20.28 -39.58
C PRO A 163 13.39 19.84 -38.20
N PRO A 164 12.89 18.67 -37.76
CA PRO A 164 13.28 18.10 -36.46
C PRO A 164 14.78 17.75 -36.41
N VAL A 165 15.43 18.04 -35.30
CA VAL A 165 16.84 17.70 -35.11
C VAL A 165 17.05 16.22 -34.88
N ILE A 166 17.91 15.66 -35.70
CA ILE A 166 18.25 14.26 -35.67
C ILE A 166 19.75 14.12 -35.40
N ASP A 167 20.09 13.23 -34.48
CA ASP A 167 21.35 13.26 -33.77
C ASP A 167 21.06 14.41 -32.84
N GLY A 168 22.07 14.97 -32.20
CA GLY A 168 21.87 16.02 -31.23
C GLY A 168 22.97 15.96 -30.19
N SER A 169 23.05 14.84 -29.47
CA SER A 169 24.14 14.60 -28.55
C SER A 169 25.43 14.80 -29.32
N ILE A 170 25.34 14.58 -30.62
CA ILE A 170 26.44 14.80 -31.51
C ILE A 170 26.48 16.27 -31.83
N TRP A 171 25.35 16.82 -32.24
CA TRP A 171 25.34 18.23 -32.53
C TRP A 171 25.72 19.02 -31.26
N ASP A 172 25.24 18.55 -30.10
CA ASP A 172 25.54 19.23 -28.82
C ASP A 172 26.98 19.07 -28.35
N ALA A 173 27.62 17.99 -28.82
CA ALA A 173 29.02 17.72 -28.52
C ALA A 173 29.94 18.59 -29.36
N ILE A 174 29.60 18.75 -30.64
CA ILE A 174 30.36 19.63 -31.52
C ILE A 174 30.19 21.07 -31.01
N ALA A 175 29.02 21.35 -30.45
CA ALA A 175 28.81 22.59 -29.68
C ALA A 175 29.69 22.58 -28.43
N GLY A 176 29.49 21.55 -27.57
CA GLY A 176 30.36 21.33 -26.41
C GLY A 176 31.83 21.55 -26.75
N CYS A 177 32.31 20.83 -27.78
CA CYS A 177 33.66 21.00 -28.29
C CYS A 177 33.89 22.44 -28.75
N GLU A 178 33.24 22.85 -29.84
CA GLU A 178 33.64 24.04 -30.60
C GLU A 178 33.24 25.42 -30.05
N ALA A 179 32.25 25.49 -29.17
CA ALA A 179 31.80 26.81 -28.70
C ALA A 179 31.55 26.89 -27.19
N GLY A 180 32.00 25.87 -26.46
CA GLY A 180 31.67 25.71 -25.05
C GLY A 180 30.18 25.50 -24.76
N GLY A 181 29.41 25.28 -25.82
CA GLY A 181 27.98 25.13 -25.73
C GLY A 181 27.15 26.34 -26.09
N ASN A 182 27.79 27.46 -26.39
CA ASN A 182 27.07 28.70 -26.63
C ASN A 182 26.78 28.94 -28.09
N TRP A 183 25.53 28.74 -28.47
CA TRP A 183 25.14 28.76 -29.85
C TRP A 183 25.10 30.15 -30.41
N ALA A 184 25.30 31.14 -29.58
CA ALA A 184 25.20 32.51 -30.02
C ALA A 184 26.56 33.13 -30.09
N ILE A 185 27.57 32.27 -30.17
CA ILE A 185 28.93 32.71 -30.09
C ILE A 185 29.41 33.55 -31.26
N ASN A 186 29.83 34.76 -30.97
CA ASN A 186 30.56 35.57 -31.92
C ASN A 186 31.81 36.03 -31.24
N THR A 187 32.82 35.19 -31.21
CA THR A 187 34.03 35.51 -30.51
C THR A 187 34.76 36.59 -31.26
N GLY A 188 35.18 36.28 -32.47
CA GLY A 188 35.78 37.26 -33.32
C GLY A 188 36.92 36.48 -33.91
N ASN A 189 36.85 36.14 -35.18
CA ASN A 189 37.84 35.26 -35.74
C ASN A 189 37.59 34.93 -37.20
N GLY A 190 36.49 34.28 -37.48
CA GLY A 190 36.17 33.89 -38.81
C GLY A 190 34.95 33.02 -38.84
N TYR A 191 34.64 32.42 -37.71
CA TYR A 191 33.59 31.44 -37.64
C TYR A 191 32.53 31.87 -36.65
N TYR A 192 31.33 31.36 -36.82
CA TYR A 192 30.18 31.87 -36.07
C TYR A 192 29.24 30.80 -35.59
N GLY A 193 28.86 30.86 -34.34
CA GLY A 193 27.85 29.96 -33.84
C GLY A 193 28.39 28.73 -33.16
N GLY A 194 27.48 27.84 -32.83
CA GLY A 194 27.82 26.64 -32.12
C GLY A 194 28.64 25.67 -32.90
N VAL A 195 28.43 25.58 -34.21
CA VAL A 195 29.17 24.63 -35.01
C VAL A 195 30.21 25.33 -35.85
N GLN A 196 30.46 26.58 -35.50
CA GLN A 196 31.49 27.39 -36.08
C GLN A 196 31.45 27.50 -37.58
N PHE A 197 30.37 28.10 -38.08
CA PHE A 197 30.11 28.27 -39.50
C PHE A 197 31.00 29.35 -39.96
N ASP A 198 31.53 29.26 -41.17
CA ASP A 198 32.00 30.50 -41.80
C ASP A 198 30.81 31.28 -42.46
N GLN A 199 31.04 32.49 -42.98
CA GLN A 199 29.92 33.22 -43.54
C GLN A 199 29.50 32.68 -44.93
N GLY A 200 30.51 32.44 -45.76
CA GLY A 200 30.31 31.81 -47.05
C GLY A 200 29.50 30.53 -47.03
N THR A 201 29.81 29.60 -46.13
CA THR A 201 29.08 28.30 -46.11
C THR A 201 27.74 28.39 -45.43
N TRP A 202 27.61 29.21 -44.41
CA TRP A 202 26.28 29.54 -43.89
C TRP A 202 25.35 30.12 -44.97
N GLU A 203 25.90 30.77 -45.98
CA GLU A 203 25.07 31.44 -46.96
C GLU A 203 24.73 30.52 -48.11
N ALA A 204 25.78 29.81 -48.56
CA ALA A 204 25.72 28.90 -49.70
C ALA A 204 24.66 27.86 -49.43
N ASN A 205 24.48 27.53 -48.16
CA ASN A 205 23.68 26.40 -47.92
C ASN A 205 22.41 26.73 -47.10
N GLY A 206 22.01 27.99 -47.27
CA GLY A 206 20.65 28.40 -47.02
C GLY A 206 20.38 29.15 -45.73
N GLY A 207 21.43 29.49 -44.98
CA GLY A 207 21.25 30.11 -43.68
C GLY A 207 20.45 31.40 -43.69
N LEU A 208 20.66 32.20 -44.74
CA LEU A 208 20.07 33.53 -44.84
C LEU A 208 18.55 33.57 -44.68
N ARG A 209 17.83 32.49 -44.99
CA ARG A 209 16.40 32.51 -44.66
C ARG A 209 16.14 32.63 -43.15
N TYR A 210 17.09 32.26 -42.31
CA TYR A 210 16.89 32.26 -40.87
C TYR A 210 17.47 33.46 -40.16
N ALA A 211 18.70 33.84 -40.47
CA ALA A 211 19.41 34.96 -39.78
C ALA A 211 20.60 35.32 -40.64
N PRO A 212 21.10 36.59 -40.55
CA PRO A 212 22.29 37.02 -41.35
C PRO A 212 23.55 36.30 -40.93
N ARG A 213 23.50 35.68 -39.77
CA ARG A 213 24.63 34.96 -39.33
C ARG A 213 24.19 33.69 -38.59
N ALA A 214 25.07 32.70 -38.68
CA ALA A 214 24.84 31.45 -37.96
C ALA A 214 24.48 31.69 -36.52
N ASP A 215 25.13 32.67 -35.91
CA ASP A 215 25.03 32.90 -34.47
C ASP A 215 23.80 33.71 -34.07
N LEU A 216 23.13 34.32 -35.03
CA LEU A 216 21.92 35.08 -34.74
C LEU A 216 20.69 34.21 -34.86
N ALA A 217 20.89 32.95 -35.25
CA ALA A 217 19.84 31.91 -35.40
C ALA A 217 19.82 30.94 -34.24
N THR A 218 18.68 30.27 -34.05
CA THR A 218 18.55 29.35 -32.94
C THR A 218 19.33 28.06 -33.20
N ARG A 219 19.74 27.38 -32.13
CA ARG A 219 20.33 26.05 -32.27
C ARG A 219 19.65 25.22 -33.36
N GLU A 220 18.33 25.18 -33.36
CA GLU A 220 17.66 24.28 -34.31
C GLU A 220 17.80 24.80 -35.74
N GLU A 221 17.72 26.10 -35.91
CA GLU A 221 17.99 26.70 -37.21
C GLU A 221 19.42 26.42 -37.67
N GLN A 222 20.38 26.46 -36.76
CA GLN A 222 21.73 26.19 -37.13
C GLN A 222 21.96 24.77 -37.60
N ILE A 223 21.48 23.81 -36.82
CA ILE A 223 21.54 22.41 -37.19
C ILE A 223 20.92 22.13 -38.57
N ALA A 224 19.75 22.69 -38.87
CA ALA A 224 19.18 22.56 -40.21
C ALA A 224 20.15 22.97 -41.32
N VAL A 225 20.86 24.08 -41.13
CA VAL A 225 21.70 24.59 -42.20
C VAL A 225 22.98 23.79 -42.24
N ALA A 226 23.41 23.32 -41.07
CA ALA A 226 24.58 22.43 -40.96
C ALA A 226 24.33 21.06 -41.57
N GLU A 227 23.23 20.40 -41.19
CA GLU A 227 22.90 19.09 -41.80
C GLU A 227 23.05 19.07 -43.35
N VAL A 228 22.90 20.22 -44.02
CA VAL A 228 23.23 20.34 -45.47
C VAL A 228 24.72 20.13 -45.78
N THR A 229 25.57 20.52 -44.85
CA THR A 229 27.00 20.32 -45.05
C THR A 229 27.28 18.88 -44.73
N ARG A 230 26.70 18.45 -43.63
CA ARG A 230 26.93 17.15 -43.15
C ARG A 230 26.51 16.09 -44.16
N LEU A 231 25.57 16.40 -45.04
CA LEU A 231 25.08 15.38 -45.93
C LEU A 231 25.94 15.28 -47.18
N ARG A 232 26.57 16.40 -47.53
CA ARG A 232 27.58 16.47 -48.57
C ARG A 232 28.89 15.83 -48.18
N GLN A 233 29.36 16.09 -46.96
CA GLN A 233 30.69 15.66 -46.52
C GLN A 233 30.67 14.73 -45.32
N GLY A 234 29.55 14.68 -44.63
CA GLY A 234 29.49 13.89 -43.41
C GLY A 234 30.03 14.72 -42.27
N TRP A 235 30.35 14.04 -41.16
CA TRP A 235 30.74 14.69 -39.93
C TRP A 235 32.13 15.33 -39.98
N GLY A 236 32.84 15.16 -41.11
CA GLY A 236 34.22 15.59 -41.23
C GLY A 236 34.44 17.02 -41.66
N ALA A 237 33.52 17.92 -41.33
CA ALA A 237 33.72 19.35 -41.56
C ALA A 237 34.00 20.04 -40.21
N TRP A 238 34.17 19.17 -39.21
CA TRP A 238 34.51 19.53 -37.85
C TRP A 238 35.57 18.53 -37.42
N PRO A 239 36.81 18.64 -37.92
CA PRO A 239 37.78 17.52 -37.87
C PRO A 239 38.11 17.06 -36.45
N VAL A 240 38.67 17.96 -35.65
CA VAL A 240 38.93 17.71 -34.22
C VAL A 240 37.64 17.38 -33.47
N CYS A 241 36.58 18.14 -33.73
CA CYS A 241 35.39 18.09 -32.91
C CYS A 241 34.44 16.94 -33.22
N ALA A 242 34.53 16.38 -34.42
CA ALA A 242 33.76 15.20 -34.73
C ALA A 242 34.48 13.96 -34.21
N ALA A 243 35.80 14.08 -34.04
CA ALA A 243 36.58 13.03 -33.39
C ALA A 243 36.30 13.02 -31.88
N ARG A 244 36.65 14.12 -31.19
CA ARG A 244 36.34 14.34 -29.75
C ARG A 244 34.92 13.96 -29.32
N ALA A 245 33.96 14.15 -30.23
CA ALA A 245 32.59 13.70 -30.01
C ALA A 245 32.47 12.18 -30.08
N GLY A 246 33.19 11.57 -31.02
CA GLY A 246 32.94 10.18 -31.41
C GLY A 246 31.89 10.17 -32.52
N ALA A 247 32.30 10.65 -33.70
CA ALA A 247 31.38 10.83 -34.84
C ALA A 247 31.98 10.34 -36.14
N ARG A 248 31.30 9.39 -36.79
CA ARG A 248 31.84 8.70 -37.98
C ARG A 248 32.46 9.62 -39.05
N LYS B 25 14.68 28.55 -0.27
CA LYS B 25 15.34 28.43 1.08
C LYS B 25 14.45 28.49 2.36
N THR B 26 13.32 29.20 2.40
CA THR B 26 12.37 29.00 3.54
C THR B 26 11.17 28.19 3.10
N VAL B 27 10.88 27.15 3.87
CA VAL B 27 10.07 26.02 3.40
C VAL B 27 9.13 25.51 4.49
N GLN B 28 7.88 25.20 4.07
CA GLN B 28 6.87 24.60 4.93
C GLN B 28 6.88 23.10 4.81
N LEU B 29 7.09 22.44 5.95
CA LEU B 29 7.20 20.99 5.96
C LEU B 29 5.96 20.44 6.60
N ASN B 30 5.23 19.57 5.94
CA ASN B 30 4.25 18.84 6.68
C ASN B 30 4.74 17.41 6.74
N ASP B 31 5.37 17.05 7.85
CA ASP B 31 5.89 15.68 8.10
C ASP B 31 4.78 14.86 8.76
N GLY B 32 4.21 13.90 8.04
CA GLY B 32 3.07 13.12 8.59
C GLY B 32 2.14 13.90 9.51
N GLY B 33 1.73 15.12 9.13
CA GLY B 33 0.81 15.89 9.95
C GLY B 33 1.45 16.92 10.89
N LEU B 34 2.75 16.85 11.09
CA LEU B 34 3.42 17.80 11.93
C LEU B 34 4.09 18.88 11.16
N VAL B 35 3.57 20.08 11.30
CA VAL B 35 3.91 21.20 10.44
C VAL B 35 4.98 22.10 11.02
N ARG B 36 6.01 22.35 10.24
CA ARG B 36 7.21 22.94 10.74
C ARG B 36 7.62 23.87 9.65
N THR B 37 8.44 24.85 9.95
CA THR B 37 9.06 25.63 8.93
C THR B 37 10.52 25.41 9.08
N VAL B 38 11.23 25.51 7.99
CA VAL B 38 12.66 25.16 8.00
C VAL B 38 13.52 25.95 7.00
N HIS B 39 14.70 26.36 7.46
CA HIS B 39 15.55 27.22 6.68
C HIS B 39 16.98 26.72 6.63
N LEU B 40 17.21 25.73 5.79
CA LEU B 40 18.48 25.02 5.75
C LEU B 40 18.90 24.84 4.31
N PRO B 41 20.21 25.01 4.03
CA PRO B 41 20.58 24.88 2.61
C PRO B 41 20.64 23.40 2.22
N ALA B 42 20.30 23.13 0.95
CA ALA B 42 20.27 21.78 0.40
C ALA B 42 20.08 21.74 -1.13
N PRO B 43 20.57 20.67 -1.78
CA PRO B 43 20.39 20.62 -3.24
C PRO B 43 19.03 20.02 -3.68
N ASN B 44 18.28 19.49 -2.71
CA ASN B 44 17.29 18.43 -2.90
C ASN B 44 16.28 18.49 -1.79
N VAL B 45 15.07 18.09 -2.09
CA VAL B 45 14.12 17.73 -1.06
C VAL B 45 14.67 16.61 -0.13
N ALA B 46 15.24 15.56 -0.70
CA ALA B 46 15.88 14.55 0.14
C ALA B 46 16.94 15.18 1.05
N GLY B 47 17.79 16.04 0.46
CA GLY B 47 18.95 16.63 1.14
C GLY B 47 18.47 17.56 2.21
N LEU B 48 17.40 18.30 1.90
CA LEU B 48 16.75 19.18 2.87
C LEU B 48 16.25 18.36 4.02
N LEU B 49 15.65 17.19 3.74
CA LEU B 49 15.06 16.39 4.83
C LEU B 49 16.17 15.80 5.68
N SER B 50 17.24 15.34 5.04
CA SER B 50 18.49 14.96 5.77
C SER B 50 18.99 16.03 6.72
N ALA B 51 19.15 17.24 6.19
CA ALA B 51 19.59 18.41 7.01
C ALA B 51 18.68 18.73 8.23
N ALA B 52 17.40 18.41 8.12
CA ALA B 52 16.41 18.69 9.17
C ALA B 52 16.51 17.61 10.23
N GLY B 53 17.36 16.64 9.95
CA GLY B 53 17.52 15.49 10.86
C GLY B 53 16.46 14.41 10.73
N VAL B 54 15.57 14.53 9.74
CA VAL B 54 14.49 13.55 9.56
C VAL B 54 14.53 12.94 8.13
N PRO B 55 15.63 12.28 7.80
CA PRO B 55 15.76 11.85 6.40
C PRO B 55 14.67 10.86 5.99
N LEU B 56 14.46 10.75 4.66
CA LEU B 56 13.66 9.69 4.07
C LEU B 56 14.24 8.30 4.41
N LEU B 57 13.43 7.45 5.04
CA LEU B 57 13.87 6.08 5.32
C LEU B 57 12.84 5.07 4.90
N GLN B 58 13.31 3.87 4.58
CA GLN B 58 12.44 2.71 4.33
C GLN B 58 11.36 3.13 3.37
N SER B 59 10.10 2.98 3.73
CA SER B 59 9.02 3.28 2.78
C SER B 59 8.51 4.73 2.80
N ASP B 60 9.24 5.66 3.42
CA ASP B 60 8.77 7.04 3.41
C ASP B 60 8.62 7.54 1.99
N HIS B 61 7.66 8.44 1.76
CA HIS B 61 7.57 9.15 0.49
C HIS B 61 7.33 10.65 0.67
N VAL B 62 7.57 11.45 -0.40
CA VAL B 62 7.42 12.91 -0.41
C VAL B 62 6.71 13.50 -1.65
N VAL B 63 6.04 14.61 -1.45
CA VAL B 63 5.66 15.48 -2.57
C VAL B 63 6.26 16.86 -2.28
N PRO B 64 6.98 17.46 -3.25
CA PRO B 64 7.52 17.04 -4.55
C PRO B 64 8.44 15.81 -4.48
N ALA B 65 8.99 15.41 -5.63
CA ALA B 65 9.89 14.27 -5.64
C ALA B 65 11.16 14.54 -4.81
N ALA B 66 11.78 13.47 -4.33
CA ALA B 66 12.92 13.64 -3.45
C ALA B 66 14.04 14.49 -4.12
N THR B 67 14.17 14.35 -5.45
CA THR B 67 15.21 15.06 -6.18
C THR B 67 14.76 16.46 -6.64
N ALA B 68 13.52 16.81 -6.32
CA ALA B 68 12.98 18.12 -6.65
C ALA B 68 13.92 19.16 -6.10
N PRO B 69 14.18 20.20 -6.92
CA PRO B 69 14.98 21.29 -6.35
C PRO B 69 14.13 21.98 -5.31
N ILE B 70 14.78 22.69 -4.40
CA ILE B 70 14.09 23.42 -3.38
C ILE B 70 13.81 24.86 -3.87
N VAL B 71 12.59 25.33 -3.67
CA VAL B 71 12.22 26.68 -4.11
C VAL B 71 11.51 27.45 -2.99
N GLU B 72 12.02 28.64 -2.68
CA GLU B 72 11.38 29.60 -1.74
C GLU B 72 9.84 29.44 -1.49
N GLY B 73 9.44 29.24 -0.22
CA GLY B 73 8.03 29.10 0.18
C GLY B 73 7.34 27.79 -0.24
N MET B 74 8.14 26.86 -0.74
CA MET B 74 7.69 25.51 -1.14
C MET B 74 7.01 24.71 -0.03
N GLN B 75 5.90 24.08 -0.38
CA GLN B 75 5.32 23.07 0.51
C GLN B 75 5.89 21.70 0.14
N ILE B 76 6.32 21.00 1.19
CA ILE B 76 6.86 19.65 1.18
C ILE B 76 5.95 18.78 2.07
N GLN B 77 5.38 17.75 1.50
CA GLN B 77 4.58 16.85 2.27
C GLN B 77 5.26 15.47 2.35
N VAL B 78 5.77 15.06 3.50
CA VAL B 78 6.37 13.73 3.68
C VAL B 78 5.42 12.77 4.36
N THR B 79 5.37 11.54 3.90
CA THR B 79 4.58 10.57 4.62
C THR B 79 5.45 9.40 5.11
N ARG B 80 5.43 9.15 6.42
CA ARG B 80 6.36 8.21 7.09
C ARG B 80 5.73 6.82 7.07
N ASN B 81 6.49 5.85 6.58
CA ASN B 81 6.07 4.45 6.48
C ASN B 81 7.31 3.59 6.84
N ARG B 82 7.27 2.95 8.01
CA ARG B 82 8.41 2.26 8.64
C ARG B 82 7.98 0.96 9.32
N ILE B 83 8.89 -0.01 9.43
CA ILE B 83 8.81 -1.14 10.37
C ILE B 83 9.79 -0.90 11.53
N LYS B 84 9.37 -1.16 12.77
CA LYS B 84 10.21 -0.98 13.95
C LYS B 84 10.25 -2.24 14.76
N LYS B 85 11.36 -2.52 15.44
CA LYS B 85 11.41 -3.54 16.51
C LYS B 85 10.95 -2.97 17.84
N VAL B 86 9.92 -3.57 18.45
CA VAL B 86 9.57 -3.24 19.83
C VAL B 86 9.65 -4.50 20.64
N THR B 87 10.32 -4.44 21.77
CA THR B 87 10.49 -5.59 22.63
C THR B 87 9.52 -5.49 23.80
N GLU B 88 8.76 -6.54 24.08
CA GLU B 88 7.79 -6.47 25.19
C GLU B 88 8.02 -7.64 26.10
N ARG B 89 8.04 -7.38 27.40
CA ARG B 89 8.10 -8.48 28.35
C ARG B 89 6.72 -9.12 28.62
N LEU B 90 6.59 -10.42 28.43
CA LEU B 90 5.28 -11.09 28.51
C LEU B 90 5.35 -12.43 29.22
N PRO B 91 4.19 -12.97 29.65
CA PRO B 91 4.19 -14.33 30.15
C PRO B 91 4.78 -15.31 29.17
N LEU B 92 5.48 -16.30 29.73
CA LEU B 92 5.89 -17.49 29.00
C LEU B 92 5.04 -18.63 29.53
N PRO B 93 4.07 -19.11 28.74
CA PRO B 93 3.29 -20.29 29.15
C PRO B 93 4.22 -21.48 29.22
N PRO B 94 4.01 -22.41 30.16
CA PRO B 94 4.93 -23.52 30.38
C PRO B 94 4.74 -24.70 29.41
N ASN B 95 5.74 -25.57 29.31
CA ASN B 95 5.63 -26.68 28.40
C ASN B 95 4.82 -27.72 29.11
N ALA B 96 3.98 -28.42 28.37
CA ALA B 96 3.18 -29.45 28.95
C ALA B 96 4.05 -30.67 28.89
N ARG B 97 4.33 -31.31 30.01
CA ARG B 97 4.92 -32.60 29.86
C ARG B 97 3.88 -33.70 30.06
N ARG B 98 4.08 -34.86 29.48
CA ARG B 98 2.97 -35.82 29.41
C ARG B 98 3.18 -37.02 30.28
N VAL B 99 2.12 -37.37 30.99
CA VAL B 99 2.17 -38.55 31.80
C VAL B 99 0.96 -39.44 31.54
N GLU B 100 1.26 -40.71 31.33
CA GLU B 100 0.28 -41.67 30.88
C GLU B 100 -0.64 -42.12 32.01
N ASP B 101 -1.92 -42.24 31.70
CA ASP B 101 -2.85 -42.78 32.66
C ASP B 101 -3.55 -43.99 32.00
N PRO B 102 -3.15 -45.21 32.38
CA PRO B 102 -3.74 -46.39 31.72
C PRO B 102 -5.20 -46.63 32.08
N GLU B 103 -5.75 -45.96 33.10
CA GLU B 103 -7.18 -46.11 33.48
C GLU B 103 -8.12 -45.20 32.67
N MET B 104 -7.60 -44.09 32.14
CA MET B 104 -8.41 -43.14 31.38
C MET B 104 -8.51 -43.53 29.92
N ASN B 105 -9.64 -43.21 29.32
CA ASN B 105 -9.80 -43.30 27.89
C ASN B 105 -8.86 -42.32 27.18
N MET B 106 -8.34 -42.77 26.05
CA MET B 106 -7.41 -42.03 25.21
C MET B 106 -7.95 -40.67 24.73
N SER B 107 -9.27 -40.54 24.74
CA SER B 107 -9.96 -39.33 24.32
C SER B 107 -9.93 -38.24 25.38
N ARG B 108 -9.59 -38.60 26.62
CA ARG B 108 -9.54 -37.64 27.71
C ARG B 108 -8.09 -37.20 27.96
N GLU B 109 -7.93 -35.91 28.24
CA GLU B 109 -6.63 -35.29 28.48
C GLU B 109 -6.86 -34.24 29.56
N VAL B 110 -6.04 -34.26 30.60
CA VAL B 110 -6.31 -33.49 31.78
C VAL B 110 -5.08 -32.69 32.25
N VAL B 111 -5.27 -31.41 32.60
CA VAL B 111 -4.18 -30.64 33.20
C VAL B 111 -4.13 -30.89 34.70
N GLU B 112 -3.34 -31.87 35.09
CA GLU B 112 -3.18 -32.24 36.48
C GLU B 112 -2.37 -31.16 37.23
N ASP B 113 -1.43 -30.53 36.55
CA ASP B 113 -0.65 -29.51 37.17
C ASP B 113 -0.38 -28.42 36.13
N PRO B 114 -0.85 -27.19 36.40
CA PRO B 114 -0.79 -26.04 35.50
C PRO B 114 0.62 -25.54 35.20
N GLY B 115 1.62 -26.01 35.92
CA GLY B 115 2.92 -25.35 35.93
C GLY B 115 2.84 -23.94 36.53
N VAL B 116 3.94 -23.20 36.35
CA VAL B 116 4.03 -21.82 36.78
C VAL B 116 4.66 -21.01 35.65
N PRO B 117 3.86 -20.09 35.05
CA PRO B 117 4.28 -19.35 33.86
C PRO B 117 5.49 -18.48 34.11
N GLY B 118 6.31 -18.32 33.07
CA GLY B 118 7.53 -17.50 33.17
C GLY B 118 7.38 -16.17 32.46
N THR B 119 8.49 -15.58 32.13
CA THR B 119 8.46 -14.27 31.52
C THR B 119 9.45 -14.34 30.40
N GLN B 120 9.08 -13.87 29.22
CA GLN B 120 10.00 -13.84 28.09
C GLN B 120 9.94 -12.47 27.45
N ASP B 121 10.96 -12.16 26.65
CA ASP B 121 11.01 -10.93 25.90
C ASP B 121 10.63 -11.29 24.47
N VAL B 122 9.50 -10.75 23.99
CA VAL B 122 9.07 -10.99 22.62
C VAL B 122 9.43 -9.78 21.80
N THR B 123 10.14 -10.01 20.72
CA THR B 123 10.40 -8.95 19.76
C THR B 123 9.31 -8.95 18.71
N PHE B 124 8.74 -7.77 18.51
CA PHE B 124 7.71 -7.59 17.50
C PHE B 124 8.27 -6.73 16.42
N ALA B 125 7.84 -7.00 15.20
CA ALA B 125 8.06 -6.06 14.11
C ALA B 125 6.79 -5.26 14.08
N VAL B 126 6.90 -3.96 14.24
CA VAL B 126 5.71 -3.14 14.19
C VAL B 126 5.73 -2.25 12.99
N ALA B 127 4.66 -2.32 12.20
CA ALA B 127 4.43 -1.40 11.05
C ALA B 127 3.79 -0.14 11.53
N GLU B 128 4.34 0.99 11.14
CA GLU B 128 3.87 2.28 11.58
C GLU B 128 3.73 3.22 10.42
N VAL B 129 2.57 3.83 10.25
CA VAL B 129 2.49 4.97 9.36
C VAL B 129 2.24 6.29 10.06
N ASN B 130 3.15 7.21 9.81
CA ASN B 130 3.14 8.53 10.37
C ASN B 130 3.15 8.42 11.88
N GLY B 131 3.99 7.52 12.35
CA GLY B 131 4.08 7.22 13.77
C GLY B 131 2.88 6.59 14.49
N VAL B 132 1.87 6.10 13.79
CA VAL B 132 0.89 5.28 14.50
C VAL B 132 0.86 3.88 13.92
N GLU B 133 1.03 2.90 14.80
CA GLU B 133 1.03 1.47 14.49
C GLU B 133 -0.18 1.07 13.70
N THR B 134 0.04 0.22 12.69
CA THR B 134 -1.03 -0.34 11.87
C THR B 134 -1.07 -1.89 11.79
N GLY B 135 0.05 -2.53 12.09
CA GLY B 135 0.07 -3.98 12.25
C GLY B 135 1.29 -4.34 13.06
N ARG B 136 1.34 -5.57 13.55
CA ARG B 136 2.55 -6.08 14.21
C ARG B 136 2.66 -7.61 14.00
N LEU B 137 3.84 -8.16 14.25
CA LEU B 137 4.04 -9.60 14.20
C LEU B 137 5.15 -9.95 15.18
N PRO B 138 4.95 -11.03 15.93
CA PRO B 138 6.03 -11.54 16.78
C PRO B 138 7.12 -12.09 15.90
N VAL B 139 8.38 -11.76 16.18
CA VAL B 139 9.49 -12.31 15.35
C VAL B 139 10.63 -12.98 16.11
N ALA B 140 10.67 -12.85 17.43
CA ALA B 140 11.75 -13.50 18.20
C ALA B 140 11.36 -13.48 19.67
N ASN B 141 12.04 -14.34 20.47
CA ASN B 141 11.88 -14.29 21.90
C ASN B 141 12.95 -14.98 22.72
N VAL B 142 13.53 -14.21 23.62
CA VAL B 142 14.40 -14.76 24.61
C VAL B 142 13.64 -15.03 25.93
N VAL B 143 13.93 -16.17 26.54
CA VAL B 143 13.50 -16.54 27.85
C VAL B 143 14.21 -15.71 28.88
N VAL B 144 13.42 -15.14 29.78
CA VAL B 144 13.91 -14.29 30.85
C VAL B 144 13.98 -15.05 32.18
N THR B 145 12.83 -15.42 32.73
CA THR B 145 12.80 -16.37 33.83
C THR B 145 11.96 -17.53 33.34
N PRO B 146 12.54 -18.74 33.36
CA PRO B 146 11.85 -19.83 32.74
C PRO B 146 10.62 -20.24 33.55
N ALA B 147 9.67 -20.86 32.87
CA ALA B 147 8.53 -21.49 33.50
C ALA B 147 8.96 -22.79 34.17
N HIS B 148 8.16 -23.24 35.13
CA HIS B 148 8.24 -24.64 35.55
C HIS B 148 7.06 -25.26 34.85
N GLU B 149 7.31 -26.44 34.28
CA GLU B 149 6.36 -27.11 33.38
C GLU B 149 5.11 -27.64 34.04
N ALA B 150 4.08 -27.73 33.19
CA ALA B 150 2.79 -28.25 33.50
C ALA B 150 2.89 -29.76 33.34
N VAL B 151 1.98 -30.48 33.98
CA VAL B 151 1.90 -31.93 33.82
C VAL B 151 0.50 -32.18 33.32
N VAL B 152 0.41 -32.89 32.21
CA VAL B 152 -0.84 -33.19 31.57
C VAL B 152 -0.95 -34.70 31.58
N ARG B 153 -1.97 -35.24 32.27
CA ARG B 153 -2.35 -36.66 32.19
C ARG B 153 -3.12 -36.93 30.93
N VAL B 154 -2.66 -37.92 30.17
CA VAL B 154 -3.35 -38.31 28.96
C VAL B 154 -3.86 -39.73 29.06
N GLY B 155 -5.04 -40.00 28.56
CA GLY B 155 -5.55 -41.36 28.62
C GLY B 155 -4.74 -42.30 27.74
N THR B 156 -4.33 -43.42 28.32
CA THR B 156 -3.64 -44.47 27.61
C THR B 156 -4.35 -45.81 27.69
N LYS B 157 -5.53 -45.87 28.32
CA LYS B 157 -6.25 -47.12 28.48
C LYS B 157 -6.32 -48.00 27.22
N PRO B 158 -5.78 -49.24 27.31
CA PRO B 158 -5.69 -50.12 26.15
C PRO B 158 -7.05 -50.39 25.52
N GLY B 159 -7.08 -50.33 24.20
CA GLY B 159 -8.24 -50.67 23.37
C GLY B 159 -9.20 -49.53 23.23
N THR B 160 -8.75 -48.34 23.57
CA THR B 160 -9.64 -47.22 23.72
C THR B 160 -9.41 -46.15 22.62
N GLU B 161 -8.82 -46.55 21.49
CA GLU B 161 -8.47 -45.65 20.37
C GLU B 161 -9.72 -45.02 19.81
N VAL B 162 -9.62 -43.78 19.36
CA VAL B 162 -10.76 -43.18 18.69
C VAL B 162 -10.34 -42.85 17.25
N PRO B 163 -11.07 -43.40 16.26
CA PRO B 163 -10.85 -43.03 14.86
C PRO B 163 -11.29 -41.58 14.56
N PRO B 164 -10.81 -41.00 13.44
CA PRO B 164 -11.35 -39.67 13.11
C PRO B 164 -12.74 -39.77 12.46
N VAL B 165 -13.53 -38.71 12.65
CA VAL B 165 -14.92 -38.65 12.23
C VAL B 165 -15.01 -38.51 10.71
N ILE B 166 -15.83 -39.35 10.07
CA ILE B 166 -16.04 -39.25 8.61
C ILE B 166 -16.28 -37.79 8.25
N ASP B 167 -17.44 -37.27 8.66
CA ASP B 167 -17.71 -35.86 8.43
C ASP B 167 -18.64 -35.32 9.50
N GLY B 168 -18.05 -34.78 10.57
CA GLY B 168 -18.80 -34.21 11.68
C GLY B 168 -20.16 -33.73 11.22
N SER B 169 -20.14 -32.75 10.31
CA SER B 169 -21.33 -32.07 9.76
C SER B 169 -22.54 -32.95 9.51
N ILE B 170 -22.33 -34.13 8.94
CA ILE B 170 -23.42 -35.08 8.69
C ILE B 170 -23.96 -35.63 10.01
N TRP B 171 -23.06 -35.94 10.95
CA TRP B 171 -23.44 -36.48 12.26
C TRP B 171 -23.90 -35.37 13.18
N ASP B 172 -23.17 -34.25 13.18
CA ASP B 172 -23.49 -33.10 14.00
C ASP B 172 -24.92 -32.55 13.76
N ALA B 173 -25.51 -32.99 12.64
CA ALA B 173 -26.85 -32.60 12.22
C ALA B 173 -27.91 -33.61 12.62
N ILE B 174 -27.53 -34.89 12.68
CA ILE B 174 -28.38 -35.94 13.22
C ILE B 174 -28.44 -35.77 14.73
N ALA B 175 -27.34 -35.34 15.32
CA ALA B 175 -27.25 -35.07 16.76
C ALA B 175 -27.99 -33.79 17.11
N GLY B 176 -27.90 -32.81 16.20
CA GLY B 176 -28.67 -31.56 16.28
C GLY B 176 -30.17 -31.75 16.48
N CYS B 177 -30.80 -32.60 15.67
CA CYS B 177 -32.26 -32.84 15.82
C CYS B 177 -32.61 -34.11 16.58
N GLU B 178 -31.71 -35.09 16.61
CA GLU B 178 -32.01 -36.38 17.23
C GLU B 178 -31.96 -36.26 18.76
N ALA B 179 -31.21 -35.27 19.24
CA ALA B 179 -31.04 -35.06 20.67
C ALA B 179 -31.00 -33.57 21.03
N GLY B 180 -31.43 -32.75 20.10
CA GLY B 180 -31.38 -31.30 20.27
C GLY B 180 -29.98 -30.77 20.50
N GLY B 181 -28.97 -31.46 19.98
CA GLY B 181 -27.58 -31.00 20.05
C GLY B 181 -26.77 -31.50 21.24
N ASN B 182 -27.45 -32.19 22.17
CA ASN B 182 -26.84 -32.76 23.39
C ASN B 182 -26.31 -34.20 23.20
N TRP B 183 -25.01 -34.35 23.37
CA TRP B 183 -24.34 -35.62 23.15
C TRP B 183 -24.42 -36.51 24.37
N ALA B 184 -24.75 -35.90 25.49
CA ALA B 184 -24.84 -36.57 26.76
C ALA B 184 -26.29 -36.76 27.16
N ILE B 185 -27.16 -36.52 26.21
CA ILE B 185 -28.58 -36.49 26.47
C ILE B 185 -28.96 -37.77 27.15
N ASN B 186 -30.01 -37.73 27.95
CA ASN B 186 -30.50 -38.94 28.56
C ASN B 186 -31.74 -38.76 29.38
N THR B 187 -32.89 -38.66 28.72
CA THR B 187 -34.14 -38.72 29.43
C THR B 187 -34.62 -40.12 29.23
N GLY B 188 -34.75 -40.86 30.31
CA GLY B 188 -35.10 -42.24 30.22
C GLY B 188 -36.20 -42.56 29.25
N ASN B 189 -35.83 -42.77 27.99
CA ASN B 189 -36.84 -43.21 27.02
C ASN B 189 -36.36 -44.45 26.29
N GLY B 190 -35.30 -45.06 26.83
CA GLY B 190 -34.69 -46.29 26.28
C GLY B 190 -33.55 -46.03 25.28
N TYR B 191 -33.19 -44.76 25.09
CA TYR B 191 -32.27 -44.32 24.05
C TYR B 191 -31.38 -43.23 24.65
N TYR B 192 -30.10 -43.22 24.24
CA TYR B 192 -29.03 -42.56 25.00
C TYR B 192 -28.05 -41.74 24.15
N GLY B 193 -27.76 -40.52 24.60
CA GLY B 193 -26.73 -39.71 23.97
C GLY B 193 -27.08 -39.19 22.60
N GLY B 194 -26.08 -38.60 21.98
CA GLY B 194 -26.23 -37.91 20.69
C GLY B 194 -27.20 -38.55 19.72
N VAL B 195 -26.95 -39.78 19.31
CA VAL B 195 -27.64 -40.32 18.17
C VAL B 195 -28.53 -41.45 18.63
N GLN B 196 -28.78 -41.46 19.94
CA GLN B 196 -29.85 -42.26 20.53
C GLN B 196 -29.69 -43.77 20.34
N PHE B 197 -28.56 -44.30 20.77
CA PHE B 197 -28.43 -45.73 20.83
C PHE B 197 -29.28 -46.24 21.95
N ASP B 198 -30.02 -47.29 21.69
CA ASP B 198 -30.51 -48.12 22.79
C ASP B 198 -29.33 -48.92 23.33
N GLN B 199 -29.54 -49.62 24.44
CA GLN B 199 -28.44 -50.33 25.06
C GLN B 199 -27.88 -51.51 24.25
N GLY B 200 -28.70 -52.50 23.88
CA GLY B 200 -28.25 -53.64 23.05
C GLY B 200 -27.41 -53.28 21.84
N THR B 201 -27.74 -52.16 21.19
CA THR B 201 -27.06 -51.68 19.98
C THR B 201 -25.72 -51.03 20.26
N TRP B 202 -25.72 -50.14 21.24
CA TRP B 202 -24.47 -49.65 21.77
C TRP B 202 -23.45 -50.79 22.00
N GLU B 203 -23.87 -51.84 22.66
CA GLU B 203 -23.01 -52.92 23.04
C GLU B 203 -22.55 -53.74 21.85
N ALA B 204 -23.47 -54.01 20.95
CA ALA B 204 -23.20 -54.78 19.76
C ALA B 204 -22.13 -54.14 18.90
N ASN B 205 -22.26 -52.84 18.68
CA ASN B 205 -21.38 -52.10 17.81
C ASN B 205 -20.07 -51.76 18.45
N GLY B 206 -19.73 -52.49 19.49
CA GLY B 206 -18.50 -52.28 20.23
C GLY B 206 -18.39 -51.17 21.25
N GLY B 207 -19.49 -50.71 21.81
CA GLY B 207 -19.45 -49.54 22.66
C GLY B 207 -18.84 -49.66 24.03
N LEU B 208 -19.00 -50.81 24.64
CA LEU B 208 -18.58 -51.02 26.00
C LEU B 208 -17.13 -50.73 26.23
N ARG B 209 -16.34 -50.84 25.19
CA ARG B 209 -14.94 -50.49 25.26
C ARG B 209 -14.74 -49.04 25.76
N TYR B 210 -15.66 -48.14 25.42
CA TYR B 210 -15.54 -46.71 25.79
C TYR B 210 -16.28 -46.28 27.07
N ALA B 211 -17.53 -46.75 27.23
CA ALA B 211 -18.38 -46.40 28.36
C ALA B 211 -19.52 -47.42 28.41
N PRO B 212 -20.28 -47.49 29.52
CA PRO B 212 -21.32 -48.54 29.48
C PRO B 212 -22.62 -48.06 28.84
N ARG B 213 -22.67 -46.79 28.50
CA ARG B 213 -23.80 -46.20 27.79
C ARG B 213 -23.32 -45.12 26.85
N ALA B 214 -24.09 -44.95 25.78
CA ALA B 214 -23.77 -44.03 24.69
C ALA B 214 -23.57 -42.62 25.24
N ASP B 215 -24.46 -42.23 26.14
CA ASP B 215 -24.46 -40.87 26.68
C ASP B 215 -23.24 -40.58 27.51
N LEU B 216 -22.57 -41.62 27.97
CA LEU B 216 -21.50 -41.49 28.93
C LEU B 216 -20.17 -41.40 28.26
N ALA B 217 -20.20 -41.50 26.94
CA ALA B 217 -19.01 -41.48 26.16
C ALA B 217 -18.97 -40.25 25.33
N THR B 218 -17.76 -39.84 25.05
CA THR B 218 -17.43 -38.72 24.23
C THR B 218 -18.25 -38.75 22.93
N ARG B 219 -18.21 -37.67 22.19
CA ARG B 219 -19.00 -37.56 21.00
C ARG B 219 -18.38 -38.36 19.90
N GLU B 220 -17.09 -38.23 19.75
CA GLU B 220 -16.37 -38.93 18.73
C GLU B 220 -16.37 -40.39 19.04
N GLU B 221 -16.42 -40.74 20.32
CA GLU B 221 -16.50 -42.13 20.72
C GLU B 221 -17.83 -42.68 20.34
N GLN B 222 -18.84 -41.84 20.39
CA GLN B 222 -20.17 -42.23 19.98
C GLN B 222 -20.23 -42.36 18.47
N ILE B 223 -19.64 -41.41 17.76
CA ILE B 223 -19.63 -41.51 16.31
C ILE B 223 -18.96 -42.79 15.84
N ALA B 224 -17.75 -43.03 16.36
CA ALA B 224 -17.01 -44.24 16.00
C ALA B 224 -17.88 -45.51 16.12
N VAL B 225 -18.77 -45.56 17.12
CA VAL B 225 -19.60 -46.74 17.33
C VAL B 225 -20.78 -46.68 16.38
N ALA B 226 -21.25 -45.47 16.10
CA ALA B 226 -22.39 -45.24 15.22
C ALA B 226 -22.07 -45.66 13.79
N GLU B 227 -20.91 -45.23 13.32
CA GLU B 227 -20.32 -45.59 12.02
C GLU B 227 -20.30 -47.10 11.83
N VAL B 228 -20.02 -47.84 12.88
CA VAL B 228 -19.99 -49.30 12.82
C VAL B 228 -21.39 -49.84 12.80
N THR B 229 -22.29 -48.99 12.46
CA THR B 229 -23.67 -49.38 12.39
C THR B 229 -24.21 -48.95 11.06
N ARG B 230 -23.64 -47.92 10.49
CA ARG B 230 -23.88 -47.55 9.12
C ARG B 230 -23.63 -48.74 8.22
N LEU B 231 -23.18 -49.86 8.79
CA LEU B 231 -22.98 -51.11 8.05
C LEU B 231 -24.26 -51.87 7.85
N ARG B 232 -24.94 -52.16 8.96
CA ARG B 232 -26.19 -52.95 8.93
C ARG B 232 -27.49 -52.14 8.64
N GLN B 233 -27.40 -50.79 8.62
CA GLN B 233 -28.57 -49.92 8.39
C GLN B 233 -28.40 -48.74 7.40
N GLY B 234 -27.15 -48.43 7.01
CA GLY B 234 -26.85 -47.24 6.19
C GLY B 234 -27.04 -45.97 7.03
N TRP B 235 -28.00 -45.13 6.65
CA TRP B 235 -28.55 -44.16 7.59
C TRP B 235 -29.98 -44.59 7.97
N GLY B 236 -30.11 -45.79 8.56
CA GLY B 236 -31.41 -46.45 8.78
C GLY B 236 -32.11 -46.15 10.09
N ALA B 237 -31.41 -46.31 11.21
CA ALA B 237 -31.98 -45.97 12.51
C ALA B 237 -31.82 -44.47 12.81
N TRP B 238 -31.92 -43.66 11.76
CA TRP B 238 -31.97 -42.18 11.83
C TRP B 238 -32.72 -41.63 10.60
N PRO B 239 -33.91 -42.18 10.30
CA PRO B 239 -34.49 -41.94 8.97
C PRO B 239 -35.00 -40.53 8.80
N VAL B 240 -35.69 -40.03 9.82
CA VAL B 240 -36.25 -38.69 9.87
C VAL B 240 -35.11 -37.67 9.88
N CYS B 241 -34.21 -37.85 10.84
CA CYS B 241 -33.09 -36.96 11.04
C CYS B 241 -31.98 -37.16 10.01
N ALA B 242 -32.20 -38.07 9.06
CA ALA B 242 -31.30 -38.21 7.90
C ALA B 242 -31.51 -37.14 6.80
N ALA B 243 -32.67 -36.47 6.83
CA ALA B 243 -32.95 -35.35 5.94
C ALA B 243 -32.16 -34.09 6.37
N ARG B 244 -32.54 -33.51 7.50
CA ARG B 244 -31.89 -32.32 8.04
#